data_9JF4
#
_entry.id   9JF4
#
_cell.length_a   1.00
_cell.length_b   1.00
_cell.length_c   1.00
_cell.angle_alpha   90.00
_cell.angle_beta   90.00
_cell.angle_gamma   90.00
#
_symmetry.space_group_name_H-M   'P 1'
#
loop_
_entity.id
_entity.type
_entity.pdbx_description
1 polymer 'Neuromedin-B receptor,de novo design protein'
2 non-polymer (2~{S})-3-(1~{H}-indol-3-yl)-2-methyl-2-[(4-nitrophenyl)carbamoylamino]-~{N}-[(1-pyridin-2-ylcyclohexyl)methyl]propanamide
#
_entity_poly.entity_id   1
_entity_poly.type   'polypeptide(L)'
_entity_poly.pdbx_seq_one_letter_code
;DYKDDDAMPSKSLSNLSVTTGANESGSVPEGWERDFLPASDGTTTELVIRCVIPSLYLLIITVGLLGNIMLVKIFITNSA
MRSVPNIFISNLAAGDLLLLLTCVPVDASRYFFDEWMFGKVGCKLIPVIQLTSVGVSVWTLTALSADRYRAIVNPMDMQT
SGALLRTCVKAMGIWVVSVLLAVPEAVFSEVARISSLDNSSFTACIPYPQTDELHPKIHSVLIFLVYFLIPLAIISIYYY
HIAKHLKEKAKAGAEIAAHPDAFLFLLFAAFGVVLTGDPEDRALWAELLALVERAAPGIARALAAAYRAAEEAYRAGGPV
AGFRAGILGACAGVDAETRLPLTARIVDLLRTIRALRDDEAALRALVDALGAELRALLAPVAADAEELDALLARLADLAL
VALRELAKLSESEMDAFIADLTAAVEAMAKQMETRKRLAKIVLVFVGCFIFCWFPNHILYMYRSFNYNEIDPSLGHMIVT
LVARVLSFGNSCVNPFALYLLSESFRRHFNSQLCHHHHHH
;
_entity_poly.pdbx_strand_id   A
#
loop_
_chem_comp.id
_chem_comp.type
_chem_comp.name
_chem_comp.formula
A1D63 non-polymer (2~{S})-3-(1~{H}-indol-3-yl)-2-methyl-2-[(4-nitrophenyl)carbamoylamino]-~{N}-[(1-pyridin-2-ylcyclohexyl)methyl]propanamide 'C31 H34 N6 O4'
#
# COMPACT_ATOMS: atom_id res chain seq x y z
N CYS A 51 -1.19 24.64 -36.28
CA CYS A 51 -2.64 24.51 -36.28
C CYS A 51 -3.08 23.36 -35.39
N VAL A 52 -2.74 22.13 -35.79
CA VAL A 52 -3.13 20.96 -35.02
C VAL A 52 -2.39 20.94 -33.68
N ILE A 53 -1.08 21.18 -33.71
CA ILE A 53 -0.29 21.13 -32.48
C ILE A 53 -0.75 22.16 -31.45
N PRO A 54 -0.94 23.44 -31.79
CA PRO A 54 -1.45 24.37 -30.77
C PRO A 54 -2.81 23.97 -30.21
N SER A 55 -3.70 23.44 -31.06
CA SER A 55 -5.03 23.06 -30.59
C SER A 55 -4.95 21.92 -29.59
N LEU A 56 -4.21 20.85 -29.94
CA LEU A 56 -4.10 19.72 -29.04
C LEU A 56 -3.35 20.11 -27.76
N TYR A 57 -2.32 20.94 -27.89
CA TYR A 57 -1.57 21.40 -26.72
C TYR A 57 -2.46 22.19 -25.77
N LEU A 58 -3.25 23.13 -26.32
CA LEU A 58 -4.15 23.91 -25.47
C LEU A 58 -5.21 23.02 -24.83
N LEU A 59 -5.73 22.05 -25.58
CA LEU A 59 -6.73 21.14 -25.03
C LEU A 59 -6.17 20.36 -23.84
N ILE A 60 -4.99 19.76 -24.02
CA ILE A 60 -4.43 18.95 -22.93
C ILE A 60 -4.01 19.83 -21.76
N ILE A 61 -3.50 21.04 -22.04
CA ILE A 61 -3.11 21.94 -20.96
C ILE A 61 -4.34 22.32 -20.13
N THR A 62 -5.44 22.65 -20.81
CA THR A 62 -6.67 22.98 -20.09
C THR A 62 -7.18 21.80 -19.29
N VAL A 63 -7.13 20.60 -19.87
CA VAL A 63 -7.61 19.41 -19.16
C VAL A 63 -6.79 19.18 -17.90
N GLY A 64 -5.47 19.26 -18.01
CA GLY A 64 -4.61 19.04 -16.86
C GLY A 64 -4.78 20.10 -15.79
N LEU A 65 -4.85 21.36 -16.18
CA LEU A 65 -5.03 22.44 -15.22
C LEU A 65 -6.36 22.30 -14.49
N LEU A 66 -7.43 22.00 -15.23
CA LEU A 66 -8.73 21.81 -14.60
C LEU A 66 -8.71 20.61 -13.66
N GLY A 67 -8.06 19.52 -14.06
CA GLY A 67 -8.02 18.34 -13.21
C GLY A 67 -7.29 18.58 -11.91
N ASN A 68 -6.11 19.21 -11.99
CA ASN A 68 -5.35 19.46 -10.76
C ASN A 68 -6.03 20.51 -9.88
N ILE A 69 -6.63 21.54 -10.50
CA ILE A 69 -7.37 22.53 -9.72
C ILE A 69 -8.55 21.87 -9.01
N MET A 70 -9.29 21.00 -9.71
CA MET A 70 -10.40 20.30 -9.09
C MET A 70 -9.93 19.40 -7.97
N LEU A 71 -8.79 18.72 -8.16
CA LEU A 71 -8.25 17.84 -7.13
C LEU A 71 -7.93 18.62 -5.86
N VAL A 72 -7.16 19.70 -6.00
CA VAL A 72 -6.75 20.46 -4.82
C VAL A 72 -7.96 21.15 -4.18
N LYS A 73 -8.92 21.61 -4.99
CA LYS A 73 -10.12 22.22 -4.44
C LYS A 73 -10.95 21.22 -3.66
N ILE A 74 -11.04 19.98 -4.17
CA ILE A 74 -11.74 18.94 -3.45
C ILE A 74 -11.05 18.65 -2.13
N PHE A 75 -9.71 18.62 -2.14
CA PHE A 75 -8.98 18.42 -0.90
C PHE A 75 -9.27 19.53 0.11
N ILE A 76 -9.26 20.78 -0.35
CA ILE A 76 -9.51 21.90 0.54
C ILE A 76 -10.92 21.81 1.11
N THR A 77 -11.91 21.50 0.26
CA THR A 77 -13.29 21.45 0.71
C THR A 77 -13.53 20.29 1.68
N ASN A 78 -12.95 19.13 1.40
CA ASN A 78 -13.18 17.92 2.20
C ASN A 78 -11.94 17.50 2.97
N SER A 79 -11.20 18.47 3.52
CA SER A 79 -10.08 18.15 4.40
C SER A 79 -10.54 17.37 5.62
N ALA A 80 -11.84 17.45 5.96
CA ALA A 80 -12.37 16.65 7.05
C ALA A 80 -12.21 15.17 6.80
N MET A 81 -12.20 14.76 5.53
CA MET A 81 -11.93 13.37 5.14
C MET A 81 -10.63 13.38 4.34
N ARG A 82 -9.51 13.33 5.06
CA ARG A 82 -8.19 13.34 4.44
C ARG A 82 -7.26 12.47 5.26
N SER A 83 -6.57 11.56 4.59
CA SER A 83 -5.66 10.63 5.27
C SER A 83 -4.28 10.71 4.63
N VAL A 84 -3.41 9.76 4.99
CA VAL A 84 -2.09 9.69 4.36
C VAL A 84 -2.20 9.63 2.84
N PRO A 85 -3.00 8.74 2.24
CA PRO A 85 -3.09 8.74 0.76
C PRO A 85 -3.65 10.04 0.20
N ASN A 86 -4.69 10.59 0.82
CA ASN A 86 -5.28 11.82 0.31
C ASN A 86 -4.30 12.98 0.37
N ILE A 87 -3.56 13.10 1.47
CA ILE A 87 -2.57 14.17 1.59
C ILE A 87 -1.47 13.98 0.56
N PHE A 88 -1.05 12.73 0.32
CA PHE A 88 0.02 12.52 -0.63
C PHE A 88 -0.43 12.83 -2.06
N ILE A 89 -1.65 12.44 -2.44
CA ILE A 89 -2.09 12.81 -3.78
C ILE A 89 -2.34 14.31 -3.86
N SER A 90 -2.64 14.96 -2.73
CA SER A 90 -2.71 16.43 -2.73
C SER A 90 -1.35 17.04 -3.04
N ASN A 91 -0.28 16.50 -2.44
CA ASN A 91 1.06 16.98 -2.76
C ASN A 91 1.40 16.71 -4.22
N LEU A 92 0.98 15.56 -4.74
CA LEU A 92 1.19 15.25 -6.16
C LEU A 92 0.49 16.27 -7.05
N ALA A 93 -0.76 16.61 -6.71
CA ALA A 93 -1.50 17.59 -7.50
C ALA A 93 -0.84 18.96 -7.44
N ALA A 94 -0.36 19.36 -6.25
CA ALA A 94 0.33 20.64 -6.14
C ALA A 94 1.57 20.68 -7.02
N GLY A 95 2.38 19.61 -6.97
CA GLY A 95 3.56 19.57 -7.80
C GLY A 95 3.26 19.64 -9.28
N ASP A 96 2.27 18.85 -9.73
CA ASP A 96 1.90 18.85 -11.13
C ASP A 96 1.36 20.21 -11.57
N LEU A 97 0.55 20.85 -10.72
CA LEU A 97 -0.01 22.15 -11.07
C LEU A 97 1.08 23.21 -11.17
N LEU A 98 2.04 23.19 -10.25
CA LEU A 98 3.15 24.13 -10.36
C LEU A 98 3.96 23.88 -11.63
N LEU A 99 4.17 22.61 -11.97
CA LEU A 99 4.88 22.31 -13.21
C LEU A 99 4.13 22.86 -14.42
N LEU A 100 2.82 22.70 -14.45
CA LEU A 100 2.02 23.24 -15.56
C LEU A 100 2.14 24.76 -15.62
N LEU A 101 2.01 25.42 -14.47
CA LEU A 101 1.99 26.88 -14.43
C LEU A 101 3.36 27.47 -14.75
N THR A 102 4.43 26.70 -14.55
CA THR A 102 5.75 27.20 -14.94
C THR A 102 6.19 26.74 -16.32
N CYS A 103 5.52 25.74 -16.91
CA CYS A 103 5.89 25.28 -18.24
C CYS A 103 5.06 25.92 -19.34
N VAL A 104 3.86 26.43 -19.01
CA VAL A 104 3.08 27.16 -20.01
C VAL A 104 3.77 28.44 -20.47
N PRO A 105 4.24 29.33 -19.59
CA PRO A 105 4.74 30.63 -20.09
C PRO A 105 5.97 30.52 -20.97
N VAL A 106 6.88 29.58 -20.71
CA VAL A 106 8.08 29.48 -21.54
C VAL A 106 7.71 29.10 -22.96
N ASP A 107 6.81 28.12 -23.12
CA ASP A 107 6.37 27.73 -24.45
C ASP A 107 5.60 28.86 -25.12
N ALA A 108 4.76 29.56 -24.37
CA ALA A 108 3.99 30.67 -24.96
C ALA A 108 4.92 31.77 -25.44
N SER A 109 5.96 32.10 -24.67
CA SER A 109 6.90 33.13 -25.08
C SER A 109 7.74 32.68 -26.26
N ARG A 110 8.10 31.39 -26.30
CA ARG A 110 8.91 30.89 -27.41
C ARG A 110 8.10 30.72 -28.69
N TYR A 111 6.77 30.66 -28.60
CA TYR A 111 5.92 30.50 -29.77
C TYR A 111 5.38 31.83 -30.28
N PHE A 112 4.69 32.57 -29.42
CA PHE A 112 4.06 33.83 -29.79
C PHE A 112 4.99 35.03 -29.60
N PHE A 113 6.30 34.80 -29.51
CA PHE A 113 7.29 35.87 -29.36
C PHE A 113 8.65 35.28 -29.68
N ASP A 114 9.64 36.17 -29.81
CA ASP A 114 11.01 35.76 -30.08
C ASP A 114 12.01 36.24 -29.02
N GLU A 115 11.59 37.03 -28.05
CA GLU A 115 12.49 37.55 -27.02
C GLU A 115 11.89 37.29 -25.65
N TRP A 116 12.75 36.88 -24.71
CA TRP A 116 12.33 36.64 -23.34
C TRP A 116 13.52 36.70 -22.39
N CYS A 123 14.59 33.50 -15.65
CA CYS A 123 15.58 32.64 -16.31
C CYS A 123 16.41 31.88 -15.28
N LYS A 124 16.47 32.43 -14.06
CA LYS A 124 17.20 31.79 -12.98
C LYS A 124 16.31 31.05 -11.99
N LEU A 125 15.02 31.37 -11.96
CA LEU A 125 14.09 30.80 -10.98
C LEU A 125 13.10 29.82 -11.58
N ILE A 126 12.68 30.05 -12.83
CA ILE A 126 11.68 29.17 -13.45
C ILE A 126 12.15 27.72 -13.53
N PRO A 127 13.37 27.41 -14.02
CA PRO A 127 13.79 26.01 -14.01
C PRO A 127 13.90 25.42 -12.61
N VAL A 128 14.28 26.23 -11.63
CA VAL A 128 14.33 25.76 -10.25
C VAL A 128 12.94 25.32 -9.81
N ILE A 129 11.93 26.14 -10.12
CA ILE A 129 10.56 25.81 -9.73
C ILE A 129 10.09 24.55 -10.45
N GLN A 130 10.43 24.42 -11.73
CA GLN A 130 10.00 23.24 -12.47
C GLN A 130 10.61 21.96 -11.91
N LEU A 131 11.91 21.98 -11.62
CA LEU A 131 12.56 20.81 -11.03
C LEU A 131 12.00 20.51 -9.65
N THR A 132 11.72 21.55 -8.86
CA THR A 132 11.04 21.35 -7.59
C THR A 132 9.71 20.62 -7.80
N SER A 133 8.96 21.02 -8.81
CA SER A 133 7.66 20.41 -9.08
C SER A 133 7.81 18.91 -9.38
N VAL A 134 8.74 18.57 -10.27
CA VAL A 134 8.86 17.17 -10.66
C VAL A 134 9.38 16.33 -9.48
N GLY A 135 10.28 16.89 -8.68
CA GLY A 135 10.76 16.16 -7.52
C GLY A 135 9.66 15.92 -6.50
N VAL A 136 8.87 16.96 -6.22
CA VAL A 136 7.76 16.81 -5.29
C VAL A 136 6.83 15.71 -5.76
N SER A 137 6.48 15.75 -7.05
CA SER A 137 5.53 14.76 -7.59
C SER A 137 6.06 13.34 -7.42
N VAL A 138 7.29 13.08 -7.87
CA VAL A 138 7.76 11.69 -7.87
C VAL A 138 8.02 11.19 -6.46
N TRP A 139 8.58 12.05 -5.57
CA TRP A 139 8.84 11.58 -4.22
C TRP A 139 7.54 11.39 -3.44
N THR A 140 6.51 12.17 -3.74
CA THR A 140 5.23 11.90 -3.11
C THR A 140 4.60 10.62 -3.62
N LEU A 141 4.84 10.27 -4.89
CA LEU A 141 4.44 8.95 -5.35
C LEU A 141 5.13 7.85 -4.56
N THR A 142 6.43 8.02 -4.31
CA THR A 142 7.17 7.04 -3.51
C THR A 142 6.61 6.92 -2.11
N ALA A 143 6.35 8.04 -1.46
CA ALA A 143 5.79 8.02 -0.11
C ALA A 143 4.41 7.37 -0.10
N LEU A 144 3.62 7.60 -1.15
CA LEU A 144 2.30 6.97 -1.24
C LEU A 144 2.42 5.45 -1.36
N SER A 145 3.37 4.97 -2.18
CA SER A 145 3.58 3.54 -2.28
C SER A 145 4.01 2.94 -0.94
N ALA A 146 4.89 3.65 -0.23
CA ALA A 146 5.29 3.18 1.10
C ALA A 146 4.11 3.12 2.05
N ASP A 147 3.23 4.12 1.99
CA ASP A 147 2.03 4.12 2.81
C ASP A 147 1.15 2.90 2.49
N ARG A 148 0.98 2.61 1.20
CA ARG A 148 0.15 1.47 0.83
C ARG A 148 0.74 0.16 1.36
N TYR A 149 2.07 0.00 1.26
CA TYR A 149 2.70 -1.20 1.79
C TYR A 149 2.52 -1.29 3.30
N ARG A 150 2.76 -0.18 4.01
CA ARG A 150 2.66 -0.20 5.46
C ARG A 150 1.23 -0.37 5.95
N ALA A 151 0.24 -0.08 5.10
CA ALA A 151 -1.15 -0.23 5.50
C ALA A 151 -1.75 -1.57 5.10
N ILE A 152 -1.23 -2.20 4.05
CA ILE A 152 -1.79 -3.48 3.62
C ILE A 152 -1.20 -4.64 4.42
N VAL A 153 0.11 -4.60 4.66
CA VAL A 153 0.78 -5.74 5.28
C VAL A 153 0.64 -5.71 6.80
N ASN A 154 1.16 -4.65 7.43
CA ASN A 154 1.24 -4.63 8.89
C ASN A 154 -0.12 -4.70 9.56
N PRO A 155 -1.11 -3.85 9.23
CA PRO A 155 -2.46 -4.07 9.78
C PRO A 155 -3.31 -4.94 8.84
N MET A 156 -2.98 -6.23 8.80
CA MET A 156 -3.68 -7.16 7.92
C MET A 156 -5.15 -7.31 8.32
N GLY A 162 0.07 9.92 16.99
CA GLY A 162 0.41 10.98 16.07
C GLY A 162 0.86 10.48 14.72
N ALA A 163 -0.07 10.40 13.77
CA ALA A 163 0.22 9.93 12.43
C ALA A 163 0.00 10.96 11.34
N LEU A 164 -1.15 11.64 11.33
CA LEU A 164 -1.44 12.64 10.30
C LEU A 164 -0.46 13.80 10.33
N LEU A 165 -0.08 14.26 11.52
CA LEU A 165 0.95 15.29 11.63
C LEU A 165 2.28 14.78 11.08
N ARG A 166 2.57 13.49 11.29
CA ARG A 166 3.79 12.92 10.73
C ARG A 166 3.75 12.97 9.20
N THR A 167 2.61 12.66 8.60
CA THR A 167 2.49 12.74 7.15
C THR A 167 2.63 14.19 6.67
N CYS A 168 2.05 15.14 7.39
CA CYS A 168 2.17 16.54 7.01
C CYS A 168 3.61 17.01 7.07
N VAL A 169 4.34 16.63 8.13
CA VAL A 169 5.74 17.05 8.22
C VAL A 169 6.60 16.29 7.21
N LYS A 170 6.18 15.09 6.81
CA LYS A 170 6.89 14.41 5.73
C LYS A 170 6.67 15.12 4.40
N ALA A 171 5.46 15.63 4.17
CA ALA A 171 5.21 16.44 2.98
C ALA A 171 6.06 17.71 3.00
N MET A 172 6.13 18.36 4.15
CA MET A 172 7.02 19.52 4.29
C MET A 172 8.47 19.12 4.01
N GLY A 173 8.88 17.95 4.49
CA GLY A 173 10.25 17.50 4.28
C GLY A 173 10.56 17.26 2.82
N ILE A 174 9.64 16.63 2.09
CA ILE A 174 9.90 16.40 0.67
C ILE A 174 9.91 17.71 -0.10
N TRP A 175 9.03 18.64 0.26
CA TRP A 175 9.06 19.96 -0.37
C TRP A 175 10.40 20.65 -0.12
N VAL A 176 10.90 20.59 1.12
CA VAL A 176 12.13 21.27 1.48
C VAL A 176 13.33 20.62 0.81
N VAL A 177 13.38 19.29 0.79
CA VAL A 177 14.50 18.62 0.15
C VAL A 177 14.44 18.82 -1.36
N SER A 178 13.25 19.01 -1.93
CA SER A 178 13.16 19.32 -3.35
C SER A 178 13.69 20.72 -3.64
N VAL A 179 13.26 21.72 -2.87
CA VAL A 179 13.73 23.08 -3.11
C VAL A 179 15.21 23.20 -2.81
N LEU A 180 15.74 22.34 -1.94
CA LEU A 180 17.18 22.29 -1.71
C LEU A 180 17.91 21.57 -2.83
N LEU A 181 17.29 20.56 -3.44
CA LEU A 181 17.88 19.85 -4.56
C LEU A 181 17.64 20.55 -5.89
N ALA A 182 16.81 21.58 -5.92
CA ALA A 182 16.66 22.43 -7.09
C ALA A 182 17.54 23.67 -7.03
N VAL A 183 18.33 23.83 -5.97
CA VAL A 183 19.25 24.97 -5.88
C VAL A 183 20.28 24.98 -7.00
N PRO A 184 20.92 23.85 -7.35
CA PRO A 184 21.94 23.91 -8.43
C PRO A 184 21.38 24.41 -9.75
N GLU A 185 20.07 24.33 -9.96
CA GLU A 185 19.48 24.76 -11.22
C GLU A 185 19.74 26.24 -11.48
N ALA A 186 19.60 27.08 -10.45
CA ALA A 186 19.80 28.52 -10.62
C ALA A 186 21.25 28.88 -10.93
N VAL A 187 22.19 27.95 -10.74
CA VAL A 187 23.60 28.27 -10.98
C VAL A 187 23.86 28.46 -12.46
N PHE A 188 23.30 27.61 -13.32
CA PHE A 188 23.66 27.57 -14.73
C PHE A 188 22.44 27.69 -15.64
N SER A 189 21.51 28.59 -15.34
CA SER A 189 20.34 28.77 -16.19
C SER A 189 20.22 30.21 -16.66
N PHE A 202 21.87 37.23 -27.13
CA PHE A 202 20.45 37.32 -27.45
C PHE A 202 19.60 37.36 -26.20
N THR A 203 18.28 37.31 -26.38
CA THR A 203 17.33 37.33 -25.27
C THR A 203 16.65 35.99 -25.08
N ALA A 204 17.36 34.90 -25.34
CA ALA A 204 16.86 33.55 -25.12
C ALA A 204 17.59 32.95 -23.93
N CYS A 205 16.84 32.52 -22.91
CA CYS A 205 17.42 31.95 -21.70
C CYS A 205 17.90 30.54 -22.01
N ILE A 206 19.17 30.41 -22.36
CA ILE A 206 19.77 29.13 -22.73
C ILE A 206 20.66 28.66 -21.59
N PRO A 207 20.31 27.60 -20.87
CA PRO A 207 21.19 27.11 -19.81
C PRO A 207 22.40 26.35 -20.35
N TYR A 208 22.21 25.51 -21.36
CA TYR A 208 23.26 24.67 -21.90
C TYR A 208 24.42 25.52 -22.42
N PRO A 209 25.58 25.47 -21.75
CA PRO A 209 26.71 26.29 -22.20
C PRO A 209 27.55 25.59 -23.26
N GLN A 210 27.59 26.17 -24.45
CA GLN A 210 28.42 25.66 -25.55
C GLN A 210 28.23 24.18 -25.81
N GLU A 213 30.79 19.53 -21.74
CA GLU A 213 30.71 18.19 -22.31
C GLU A 213 30.16 17.18 -21.31
N LEU A 214 30.71 17.20 -20.09
CA LEU A 214 30.32 16.25 -19.05
C LEU A 214 29.27 16.80 -18.10
N HIS A 215 29.23 18.11 -17.89
CA HIS A 215 28.25 18.68 -16.98
C HIS A 215 26.82 18.41 -17.39
N PRO A 216 26.40 18.63 -18.64
CA PRO A 216 24.99 18.35 -18.99
C PRO A 216 24.60 16.88 -18.83
N LYS A 217 25.45 15.97 -19.33
CA LYS A 217 25.13 14.55 -19.24
C LYS A 217 25.05 14.09 -17.79
N ILE A 218 26.02 14.51 -16.97
CA ILE A 218 26.04 14.11 -15.57
C ILE A 218 24.82 14.65 -14.85
N HIS A 219 24.49 15.92 -15.08
CA HIS A 219 23.31 16.48 -14.43
C HIS A 219 22.04 15.77 -14.86
N SER A 220 21.91 15.45 -16.15
CA SER A 220 20.71 14.77 -16.62
C SER A 220 20.60 13.37 -16.03
N VAL A 221 21.72 12.64 -15.96
CA VAL A 221 21.71 11.31 -15.34
C VAL A 221 21.34 11.41 -13.87
N LEU A 222 21.87 12.42 -13.18
CA LEU A 222 21.53 12.61 -11.77
C LEU A 222 20.05 12.91 -11.60
N ILE A 223 19.47 13.72 -12.49
CA ILE A 223 18.05 14.00 -12.42
C ILE A 223 17.24 12.74 -12.69
N PHE A 224 17.71 11.91 -13.63
CA PHE A 224 17.04 10.64 -13.91
C PHE A 224 17.04 9.74 -12.68
N LEU A 225 18.19 9.60 -12.02
CA LEU A 225 18.29 8.72 -10.86
C LEU A 225 17.47 9.26 -9.69
N VAL A 226 17.66 10.53 -9.34
CA VAL A 226 17.02 11.09 -8.16
C VAL A 226 15.52 11.24 -8.38
N TYR A 227 15.08 11.46 -9.62
CA TYR A 227 13.71 11.84 -9.92
C TYR A 227 12.91 10.76 -10.63
N PHE A 228 13.55 9.76 -11.23
CA PHE A 228 12.80 8.68 -11.85
C PHE A 228 13.15 7.30 -11.32
N LEU A 229 14.44 6.96 -11.25
CA LEU A 229 14.83 5.56 -11.12
C LEU A 229 14.58 5.03 -9.71
N ILE A 230 15.26 5.59 -8.71
CA ILE A 230 15.14 5.07 -7.35
C ILE A 230 13.75 5.25 -6.76
N PRO A 231 12.99 6.32 -7.06
CA PRO A 231 11.61 6.37 -6.53
C PRO A 231 10.71 5.27 -7.08
N LEU A 232 10.72 5.07 -8.40
CA LEU A 232 9.93 3.99 -8.97
C LEU A 232 10.43 2.63 -8.51
N ALA A 233 11.74 2.50 -8.30
CA ALA A 233 12.29 1.26 -7.76
C ALA A 233 11.75 0.97 -6.37
N ILE A 234 11.68 2.00 -5.53
CA ILE A 234 11.12 1.81 -4.18
C ILE A 234 9.64 1.47 -4.28
N ILE A 235 8.92 2.10 -5.21
CA ILE A 235 7.50 1.78 -5.39
C ILE A 235 7.32 0.32 -5.77
N SER A 236 8.12 -0.16 -6.72
CA SER A 236 8.03 -1.56 -7.13
C SER A 236 8.43 -2.50 -6.00
N ILE A 237 9.45 -2.13 -5.22
CA ILE A 237 9.87 -2.97 -4.10
C ILE A 237 8.75 -3.09 -3.08
N TYR A 238 8.07 -1.98 -2.78
CA TYR A 238 7.02 -2.02 -1.78
C TYR A 238 5.70 -2.55 -2.34
N TYR A 239 5.56 -2.68 -3.66
CA TYR A 239 4.41 -3.41 -4.21
C TYR A 239 4.68 -4.89 -4.37
N TYR A 240 5.95 -5.30 -4.42
CA TYR A 240 6.27 -6.71 -4.38
C TYR A 240 5.75 -7.34 -3.10
N HIS A 241 5.95 -6.68 -1.96
CA HIS A 241 5.32 -7.12 -0.71
C HIS A 241 3.98 -6.42 -0.51
N ILE A 242 3.18 -6.39 -1.57
CA ILE A 242 1.74 -6.19 -1.47
C ILE A 242 1.13 -7.29 -2.32
N ALA A 243 1.89 -7.74 -3.32
CA ALA A 243 1.50 -8.92 -4.08
C ALA A 243 1.80 -10.19 -3.30
N LYS A 244 2.93 -10.22 -2.58
CA LYS A 244 3.29 -11.40 -1.81
C LYS A 244 2.28 -11.67 -0.70
N HIS A 245 1.84 -10.62 0.00
CA HIS A 245 0.90 -10.81 1.09
C HIS A 245 -0.40 -11.41 0.59
N LEU A 246 -0.93 -10.89 -0.52
CA LEU A 246 -2.16 -11.43 -1.07
C LEU A 246 -1.97 -12.83 -1.63
N LYS A 247 -0.78 -13.13 -2.18
CA LYS A 247 -0.52 -14.48 -2.65
C LYS A 247 -0.50 -15.46 -1.49
N GLU A 248 0.10 -15.09 -0.36
CA GLU A 248 0.09 -15.96 0.81
C GLU A 248 -1.33 -16.12 1.36
N LYS A 249 -2.10 -15.04 1.40
CA LYS A 249 -3.47 -15.12 1.88
C LYS A 249 -4.33 -15.98 0.96
N ALA A 250 -4.01 -16.00 -0.33
CA ALA A 250 -4.74 -16.86 -1.26
C ALA A 250 -4.31 -18.32 -1.14
N LYS A 251 -3.02 -18.56 -0.90
CA LYS A 251 -2.56 -19.92 -0.65
C LYS A 251 -3.21 -20.49 0.60
N ALA A 252 -3.28 -19.70 1.66
CA ALA A 252 -4.13 -20.05 2.78
C ALA A 252 -5.59 -19.87 2.38
N GLY A 253 -6.49 -20.44 3.18
CA GLY A 253 -7.87 -20.51 2.77
C GLY A 253 -8.07 -21.68 1.83
N ALA A 254 -7.33 -21.67 0.71
CA ALA A 254 -7.29 -22.85 -0.14
C ALA A 254 -6.64 -24.03 0.57
N GLU A 255 -5.52 -23.78 1.28
CA GLU A 255 -4.88 -24.84 2.04
C GLU A 255 -5.62 -25.14 3.34
N ILE A 256 -6.17 -24.11 3.99
CA ILE A 256 -6.92 -24.31 5.23
C ILE A 256 -8.35 -24.73 4.97
N ALA A 257 -8.74 -24.94 3.72
CA ALA A 257 -10.04 -25.51 3.38
C ALA A 257 -9.93 -26.89 2.77
N ALA A 258 -8.82 -27.20 2.10
CA ALA A 258 -8.54 -28.55 1.65
C ALA A 258 -7.83 -29.28 2.78
N HIS A 259 -8.41 -30.39 3.22
CA HIS A 259 -7.99 -31.11 4.42
C HIS A 259 -8.02 -30.19 5.64
N PRO A 260 -9.21 -29.76 6.08
CA PRO A 260 -9.30 -29.02 7.35
C PRO A 260 -9.29 -29.98 8.52
N ASP A 261 -9.55 -29.44 9.72
CA ASP A 261 -9.49 -30.08 11.02
C ASP A 261 -8.05 -30.27 11.50
N ALA A 262 -7.05 -30.05 10.65
CA ALA A 262 -5.72 -29.73 11.15
C ALA A 262 -5.65 -28.29 11.60
N PHE A 263 -6.32 -27.40 10.87
CA PHE A 263 -6.70 -26.09 11.34
C PHE A 263 -8.08 -26.19 11.99
N LEU A 264 -8.44 -25.16 12.75
CA LEU A 264 -9.72 -25.09 13.45
C LEU A 264 -9.80 -26.14 14.54
N PHE A 265 -8.78 -26.98 14.67
CA PHE A 265 -8.55 -27.78 15.86
C PHE A 265 -7.27 -27.40 16.58
N LEU A 266 -6.16 -27.27 15.85
CA LEU A 266 -4.97 -26.67 16.43
C LEU A 266 -5.22 -25.22 16.81
N LEU A 267 -6.20 -24.57 16.17
CA LEU A 267 -6.64 -23.25 16.59
C LEU A 267 -7.32 -23.26 17.94
N PHE A 268 -7.77 -24.42 18.41
CA PHE A 268 -8.24 -24.55 19.77
C PHE A 268 -7.20 -25.18 20.69
N ALA A 269 -6.12 -25.73 20.13
CA ALA A 269 -4.94 -26.08 20.91
C ALA A 269 -3.95 -24.93 20.97
N ALA A 270 -4.27 -23.80 20.37
CA ALA A 270 -3.51 -22.57 20.51
C ALA A 270 -4.19 -21.58 21.46
N PHE A 271 -5.27 -22.00 22.11
CA PHE A 271 -5.95 -21.20 23.12
C PHE A 271 -5.81 -21.75 24.51
N GLY A 272 -5.66 -23.07 24.66
CA GLY A 272 -5.27 -23.64 25.93
C GLY A 272 -3.89 -23.19 26.35
N VAL A 273 -3.00 -22.95 25.38
CA VAL A 273 -1.68 -22.42 25.68
C VAL A 273 -1.80 -21.04 26.31
N VAL A 274 -2.69 -20.20 25.76
CA VAL A 274 -2.96 -18.90 26.36
C VAL A 274 -3.56 -19.07 27.75
N LEU A 275 -4.53 -19.98 27.88
CA LEU A 275 -5.20 -20.17 29.17
C LEU A 275 -4.23 -20.65 30.24
N THR A 276 -3.49 -21.72 29.96
CA THR A 276 -2.50 -22.25 30.90
C THR A 276 -1.14 -21.66 30.51
N GLY A 277 -0.76 -20.58 31.21
CA GLY A 277 0.47 -19.88 30.88
C GLY A 277 1.75 -20.58 31.28
N ASP A 278 1.65 -21.76 31.89
CA ASP A 278 2.84 -22.47 32.33
C ASP A 278 3.70 -22.83 31.12
N PRO A 279 5.03 -22.81 31.27
CA PRO A 279 5.89 -23.20 30.13
C PRO A 279 5.72 -24.64 29.69
N GLU A 280 5.14 -25.49 30.54
CA GLU A 280 4.89 -26.88 30.16
C GLU A 280 3.92 -26.99 28.99
N ASP A 281 3.18 -25.93 28.69
CA ASP A 281 2.29 -25.90 27.54
C ASP A 281 2.97 -25.31 26.32
N ARG A 282 3.60 -24.13 26.48
CA ARG A 282 4.25 -23.47 25.36
C ARG A 282 5.42 -24.27 24.81
N ALA A 283 6.08 -25.07 25.67
CA ALA A 283 7.22 -25.86 25.21
C ALA A 283 6.82 -26.81 24.09
N LEU A 284 5.67 -27.46 24.22
CA LEU A 284 5.17 -28.31 23.14
C LEU A 284 4.35 -27.55 22.11
N TRP A 285 3.77 -26.41 22.48
CA TRP A 285 3.03 -25.62 21.48
C TRP A 285 3.96 -25.08 20.40
N ALA A 286 5.15 -24.63 20.78
CA ALA A 286 6.12 -24.18 19.79
C ALA A 286 6.54 -25.33 18.88
N GLU A 287 6.74 -26.52 19.44
CA GLU A 287 7.09 -27.68 18.63
C GLU A 287 5.96 -28.06 17.69
N LEU A 288 4.71 -27.96 18.16
CA LEU A 288 3.57 -28.23 17.30
C LEU A 288 3.50 -27.24 16.14
N LEU A 289 3.77 -25.96 16.42
CA LEU A 289 3.80 -24.97 15.36
C LEU A 289 4.91 -25.27 14.36
N ALA A 290 6.09 -25.67 14.85
CA ALA A 290 7.18 -26.03 13.95
C ALA A 290 6.81 -27.22 13.07
N LEU A 291 6.16 -28.23 13.66
CA LEU A 291 5.73 -29.38 12.88
C LEU A 291 4.68 -28.99 11.84
N VAL A 292 3.75 -28.13 12.22
CA VAL A 292 2.74 -27.67 11.27
C VAL A 292 3.39 -26.91 10.12
N GLU A 293 4.39 -26.07 10.44
CA GLU A 293 5.13 -25.38 9.39
C GLU A 293 5.83 -26.37 8.47
N ARG A 294 6.41 -27.42 9.04
CA ARG A 294 7.04 -28.45 8.22
C ARG A 294 6.01 -29.19 7.37
N ALA A 295 4.75 -29.21 7.80
CA ALA A 295 3.70 -29.93 7.07
C ALA A 295 2.67 -29.04 6.40
N ALA A 296 2.50 -27.79 6.86
CA ALA A 296 1.50 -26.90 6.29
C ALA A 296 1.89 -25.44 6.53
N PRO A 297 2.43 -24.76 5.52
CA PRO A 297 2.96 -23.40 5.75
C PRO A 297 1.89 -22.37 6.09
N GLY A 298 0.84 -22.30 5.27
CA GLY A 298 -0.21 -21.32 5.51
C GLY A 298 -0.93 -21.54 6.82
N ILE A 299 -1.22 -22.80 7.14
CA ILE A 299 -1.84 -23.11 8.42
C ILE A 299 -0.94 -22.67 9.57
N ALA A 300 0.36 -22.92 9.45
CA ALA A 300 1.28 -22.54 10.51
C ALA A 300 1.35 -21.03 10.68
N ARG A 301 1.40 -20.28 9.58
CA ARG A 301 1.46 -18.83 9.72
C ARG A 301 0.18 -18.27 10.29
N ALA A 302 -0.98 -18.82 9.88
CA ALA A 302 -2.24 -18.38 10.46
C ALA A 302 -2.28 -18.69 11.96
N LEU A 303 -1.80 -19.87 12.35
CA LEU A 303 -1.80 -20.22 13.77
C LEU A 303 -0.84 -19.34 14.56
N ALA A 304 0.32 -19.01 13.99
CA ALA A 304 1.27 -18.15 14.69
C ALA A 304 0.69 -16.76 14.91
N ALA A 305 0.08 -16.18 13.87
CA ALA A 305 -0.56 -14.88 14.03
C ALA A 305 -1.69 -14.97 15.05
N ALA A 306 -2.47 -16.05 15.00
CA ALA A 306 -3.56 -16.25 15.94
C ALA A 306 -3.07 -16.27 17.38
N TYR A 307 -2.01 -17.04 17.64
CA TYR A 307 -1.53 -17.14 19.01
C TYR A 307 -0.89 -15.84 19.47
N ARG A 308 -0.18 -15.15 18.58
CA ARG A 308 0.40 -13.86 18.96
C ARG A 308 -0.69 -12.88 19.35
N ALA A 309 -1.74 -12.76 18.52
CA ALA A 309 -2.83 -11.86 18.85
C ALA A 309 -3.53 -12.28 20.13
N ALA A 310 -3.72 -13.59 20.32
CA ALA A 310 -4.40 -14.08 21.51
C ALA A 310 -3.61 -13.77 22.77
N GLU A 311 -2.29 -13.98 22.73
CA GLU A 311 -1.46 -13.66 23.89
C GLU A 311 -1.49 -12.16 24.18
N GLU A 312 -1.41 -11.34 23.12
CA GLU A 312 -1.42 -9.90 23.33
C GLU A 312 -2.73 -9.43 23.94
N ALA A 313 -3.86 -9.97 23.45
CA ALA A 313 -5.16 -9.47 23.89
C ALA A 313 -5.67 -10.18 25.14
N TYR A 314 -5.01 -11.25 25.59
CA TYR A 314 -5.45 -11.94 26.80
C TYR A 314 -5.33 -11.03 28.01
N ARG A 315 -4.23 -10.29 28.11
CA ARG A 315 -3.99 -9.39 29.22
C ARG A 315 -4.65 -8.04 29.00
N PRO A 319 -9.70 -13.82 28.48
CA PRO A 319 -9.89 -15.04 27.70
C PRO A 319 -10.74 -14.83 26.45
N VAL A 320 -11.89 -14.18 26.61
CA VAL A 320 -12.76 -13.91 25.46
C VAL A 320 -12.05 -12.99 24.48
N ALA A 321 -11.39 -11.95 24.98
CA ALA A 321 -10.62 -11.08 24.10
C ALA A 321 -9.48 -11.83 23.43
N GLY A 322 -8.81 -12.71 24.17
CA GLY A 322 -7.78 -13.54 23.56
C GLY A 322 -8.32 -14.45 22.47
N PHE A 323 -9.48 -15.06 22.72
CA PHE A 323 -10.10 -15.91 21.71
C PHE A 323 -10.46 -15.12 20.47
N ARG A 324 -11.05 -13.94 20.65
CA ARG A 324 -11.43 -13.11 19.51
C ARG A 324 -10.22 -12.70 18.71
N ALA A 325 -9.15 -12.26 19.38
CA ALA A 325 -7.94 -11.86 18.68
C ALA A 325 -7.32 -13.02 17.94
N GLY A 326 -7.30 -14.20 18.56
CA GLY A 326 -6.74 -15.37 17.90
C GLY A 326 -7.52 -15.76 16.66
N ILE A 327 -8.85 -15.80 16.78
CA ILE A 327 -9.68 -16.18 15.63
C ILE A 327 -9.56 -15.15 14.52
N LEU A 328 -9.53 -13.86 14.88
CA LEU A 328 -9.39 -12.81 13.87
C LEU A 328 -8.05 -12.91 13.15
N GLY A 329 -6.97 -13.11 13.90
CA GLY A 329 -5.67 -13.27 13.27
C GLY A 329 -5.58 -14.51 12.42
N ALA A 330 -6.26 -15.58 12.83
CA ALA A 330 -6.24 -16.81 12.06
C ALA A 330 -7.02 -16.66 10.75
N CYS A 331 -8.19 -16.02 10.81
CA CYS A 331 -8.99 -15.82 9.62
C CYS A 331 -8.51 -14.60 8.83
N ALA A 332 -7.21 -14.55 8.56
CA ALA A 332 -6.60 -13.52 7.73
C ALA A 332 -5.50 -14.14 6.87
N GLY A 333 -5.76 -15.31 6.31
CA GLY A 333 -4.78 -15.99 5.48
C GLY A 333 -3.57 -16.48 6.24
N LEU A 340 -13.55 -17.38 4.26
CA LEU A 340 -14.95 -17.66 3.95
C LEU A 340 -15.42 -19.06 4.40
N PRO A 341 -14.62 -20.12 4.14
CA PRO A 341 -14.99 -21.43 4.71
C PRO A 341 -14.56 -21.55 6.16
N LEU A 342 -13.43 -20.92 6.50
CA LEU A 342 -12.89 -21.02 7.84
C LEU A 342 -13.85 -20.42 8.87
N THR A 343 -14.43 -19.26 8.57
CA THR A 343 -15.35 -18.65 9.53
C THR A 343 -16.58 -19.52 9.75
N ALA A 344 -17.11 -20.11 8.68
CA ALA A 344 -18.31 -20.94 8.81
C ALA A 344 -18.00 -22.20 9.62
N ARG A 345 -16.90 -22.89 9.29
CA ARG A 345 -16.58 -24.11 10.01
C ARG A 345 -16.24 -23.82 11.47
N ILE A 346 -15.58 -22.68 11.74
CA ILE A 346 -15.24 -22.31 13.11
C ILE A 346 -16.51 -21.98 13.90
N VAL A 347 -17.45 -21.27 13.28
CA VAL A 347 -18.71 -20.98 13.96
C VAL A 347 -19.46 -22.27 14.26
N ASP A 348 -19.48 -23.21 13.31
CA ASP A 348 -20.14 -24.49 13.55
C ASP A 348 -19.47 -25.23 14.70
N LEU A 349 -18.13 -25.24 14.73
CA LEU A 349 -17.43 -25.92 15.80
C LEU A 349 -17.69 -25.27 17.16
N LEU A 350 -17.74 -23.94 17.20
CA LEU A 350 -18.05 -23.25 18.45
C LEU A 350 -19.46 -23.59 18.92
N ARG A 351 -20.41 -23.64 17.99
CA ARG A 351 -21.77 -24.01 18.35
C ARG A 351 -21.84 -25.44 18.88
N THR A 352 -21.10 -26.35 18.26
CA THR A 352 -21.06 -27.73 18.75
C THR A 352 -20.44 -27.82 20.13
N ILE A 353 -19.34 -27.09 20.35
CA ILE A 353 -18.67 -27.10 21.65
C ILE A 353 -19.51 -26.43 22.73
N ARG A 354 -20.45 -25.57 22.34
CA ARG A 354 -21.30 -24.90 23.33
C ARG A 354 -22.07 -25.88 24.20
N ALA A 355 -22.27 -27.13 23.74
CA ALA A 355 -23.00 -28.13 24.50
C ALA A 355 -22.18 -29.40 24.72
N LEU A 356 -20.87 -29.28 24.90
CA LEU A 356 -19.99 -30.43 25.15
C LEU A 356 -19.09 -30.10 26.35
N ARG A 357 -19.53 -30.50 27.53
CA ARG A 357 -18.75 -30.30 28.75
C ARG A 357 -19.19 -31.26 29.85
N ALA A 362 -18.90 -35.21 26.72
CA ALA A 362 -18.50 -35.88 25.48
C ALA A 362 -17.67 -34.96 24.60
N LEU A 363 -17.10 -33.92 25.21
CA LEU A 363 -16.24 -33.01 24.47
C LEU A 363 -14.97 -33.71 24.00
N ARG A 364 -14.53 -34.74 24.72
CA ARG A 364 -13.31 -35.46 24.33
C ARG A 364 -13.49 -36.13 22.98
N ALA A 365 -14.67 -36.70 22.72
CA ALA A 365 -14.92 -37.34 21.43
C ALA A 365 -14.87 -36.32 20.30
N LEU A 366 -15.46 -35.14 20.50
CA LEU A 366 -15.40 -34.11 19.47
C LEU A 366 -13.97 -33.64 19.24
N VAL A 367 -13.21 -33.49 20.32
CA VAL A 367 -11.81 -33.07 20.19
C VAL A 367 -11.01 -34.11 19.42
N ASP A 368 -11.23 -35.39 19.72
CA ASP A 368 -10.53 -36.45 19.00
C ASP A 368 -10.91 -36.47 17.53
N ALA A 369 -12.20 -36.28 17.23
CA ALA A 369 -12.64 -36.25 15.84
C ALA A 369 -12.00 -35.08 15.10
N LEU A 370 -11.95 -33.90 15.73
CA LEU A 370 -11.31 -32.75 15.10
C LEU A 370 -9.82 -32.99 14.89
N GLY A 371 -9.15 -33.60 15.86
CA GLY A 371 -7.73 -33.85 15.76
C GLY A 371 -7.35 -35.12 15.05
N ALA A 372 -8.32 -35.85 14.47
CA ALA A 372 -8.01 -37.08 13.76
C ALA A 372 -7.04 -36.84 12.61
N GLU A 373 -7.26 -35.77 11.86
CA GLU A 373 -6.39 -35.42 10.74
C GLU A 373 -5.03 -34.94 11.25
N ASP A 389 3.50 -40.71 19.59
CA ASP A 389 2.83 -39.44 19.32
C ASP A 389 2.14 -38.92 20.57
N ALA A 390 2.79 -39.06 21.73
CA ALA A 390 2.24 -38.55 22.96
C ALA A 390 2.12 -37.03 22.94
N LEU A 391 2.95 -36.37 22.14
CA LEU A 391 2.82 -34.91 21.99
C LEU A 391 1.47 -34.55 21.37
N LEU A 392 0.98 -35.37 20.44
CA LEU A 392 -0.35 -35.15 19.89
C LEU A 392 -1.41 -35.30 20.98
N ALA A 393 -1.24 -36.28 21.87
CA ALA A 393 -2.17 -36.44 22.99
C ALA A 393 -2.14 -35.24 23.92
N ARG A 394 -0.96 -34.70 24.19
CA ARG A 394 -0.86 -33.51 25.04
C ARG A 394 -1.50 -32.30 24.36
N LEU A 395 -1.30 -32.15 23.05
CA LEU A 395 -1.95 -31.07 22.32
C LEU A 395 -3.46 -31.21 22.34
N ALA A 396 -3.95 -32.45 22.23
CA ALA A 396 -5.39 -32.69 22.35
C ALA A 396 -5.89 -32.34 23.74
N ASP A 397 -5.08 -32.62 24.76
CA ASP A 397 -5.45 -32.24 26.12
C ASP A 397 -5.55 -30.73 26.27
N LEU A 398 -4.59 -30.00 25.70
CA LEU A 398 -4.63 -28.54 25.76
C LEU A 398 -5.84 -27.99 25.00
N ALA A 399 -6.14 -28.60 23.85
CA ALA A 399 -7.32 -28.19 23.09
C ALA A 399 -8.59 -28.46 23.88
N LEU A 400 -8.65 -29.58 24.59
CA LEU A 400 -9.79 -29.87 25.45
C LEU A 400 -9.88 -28.86 26.59
N VAL A 401 -8.73 -28.42 27.11
CA VAL A 401 -8.72 -27.38 28.13
C VAL A 401 -9.33 -26.09 27.58
N ALA A 402 -8.93 -25.70 26.37
CA ALA A 402 -9.49 -24.50 25.77
C ALA A 402 -10.98 -24.66 25.48
N LEU A 403 -11.39 -25.86 25.07
CA LEU A 403 -12.82 -26.12 24.84
C LEU A 403 -13.61 -26.01 26.15
N ARG A 404 -13.04 -26.52 27.25
CA ARG A 404 -13.68 -26.38 28.55
C ARG A 404 -13.78 -24.91 28.95
N GLU A 405 -12.72 -24.14 28.68
CA GLU A 405 -12.77 -22.71 28.97
C GLU A 405 -13.88 -22.03 28.17
N LEU A 406 -14.00 -22.37 26.88
CA LEU A 406 -15.09 -21.83 26.07
C LEU A 406 -16.45 -22.28 26.57
N ALA A 407 -16.52 -23.48 27.16
CA ALA A 407 -17.78 -23.99 27.68
C ALA A 407 -18.29 -23.18 28.85
N LYS A 408 -17.42 -22.40 29.51
CA LYS A 408 -17.84 -21.52 30.60
C LYS A 408 -18.45 -20.24 30.03
N LEU A 409 -19.47 -20.43 29.19
CA LEU A 409 -20.15 -19.32 28.54
C LEU A 409 -21.59 -19.74 28.24
N SER A 410 -22.54 -18.86 28.53
CA SER A 410 -23.94 -19.17 28.32
C SER A 410 -24.27 -19.22 26.83
N GLU A 411 -25.45 -19.76 26.52
CA GLU A 411 -25.89 -19.83 25.14
C GLU A 411 -26.08 -18.45 24.55
N SER A 412 -26.67 -17.53 25.32
CA SER A 412 -26.83 -16.16 24.84
C SER A 412 -25.49 -15.45 24.69
N GLU A 413 -24.57 -15.68 25.64
CA GLU A 413 -23.27 -15.02 25.59
C GLU A 413 -22.46 -15.46 24.37
N MET A 414 -22.46 -16.77 24.08
CA MET A 414 -21.67 -17.27 22.96
C MET A 414 -22.19 -16.76 21.62
N ASP A 415 -23.51 -16.53 21.52
CA ASP A 415 -24.07 -16.01 20.27
C ASP A 415 -23.52 -14.62 19.97
N ALA A 416 -23.44 -13.76 20.99
CA ALA A 416 -22.86 -12.44 20.79
C ALA A 416 -21.40 -12.55 20.38
N PHE A 417 -20.66 -13.49 20.98
CA PHE A 417 -19.25 -13.66 20.65
C PHE A 417 -19.08 -14.07 19.19
N ILE A 418 -19.86 -15.04 18.73
CA ILE A 418 -19.71 -15.50 17.35
C ILE A 418 -20.16 -14.44 16.38
N ALA A 419 -21.23 -13.70 16.71
CA ALA A 419 -21.68 -12.61 15.84
C ALA A 419 -20.61 -11.53 15.72
N ASP A 420 -20.02 -11.14 16.86
CA ASP A 420 -18.96 -10.14 16.82
C ASP A 420 -17.77 -10.64 16.03
N LEU A 421 -17.40 -11.91 16.21
CA LEU A 421 -16.25 -12.46 15.50
C LEU A 421 -16.48 -12.45 13.99
N THR A 422 -17.66 -12.89 13.55
CA THR A 422 -17.91 -12.93 12.11
C THR A 422 -18.05 -11.53 11.53
N ALA A 423 -18.63 -10.59 12.29
CA ALA A 423 -18.70 -9.22 11.81
C ALA A 423 -17.31 -8.61 11.67
N ALA A 424 -16.41 -8.90 12.62
CA ALA A 424 -15.05 -8.39 12.53
C ALA A 424 -14.31 -9.03 11.36
N VAL A 425 -14.55 -10.32 11.10
CA VAL A 425 -13.95 -10.97 9.94
C VAL A 425 -14.39 -10.29 8.66
N GLU A 426 -15.69 -10.04 8.54
CA GLU A 426 -16.21 -9.37 7.34
C GLU A 426 -15.62 -7.98 7.19
N ALA A 427 -15.56 -7.22 8.29
CA ALA A 427 -15.02 -5.86 8.22
C ALA A 427 -13.55 -5.87 7.83
N MET A 428 -12.77 -6.80 8.37
CA MET A 428 -11.36 -6.89 8.01
C MET A 428 -11.19 -7.25 6.54
N ALA A 429 -12.02 -8.17 6.04
CA ALA A 429 -11.95 -8.51 4.62
C ALA A 429 -12.30 -7.31 3.75
N LYS A 430 -13.33 -6.55 4.13
CA LYS A 430 -13.71 -5.37 3.37
C LYS A 430 -12.62 -4.31 3.40
N GLN A 431 -11.99 -4.11 4.55
CA GLN A 431 -10.90 -3.14 4.64
C GLN A 431 -9.71 -3.56 3.79
N MET A 432 -9.41 -4.87 3.76
CA MET A 432 -8.33 -5.34 2.90
C MET A 432 -8.67 -5.12 1.43
N GLU A 433 -9.93 -5.35 1.05
CA GLU A 433 -10.35 -5.11 -0.33
C GLU A 433 -10.21 -3.65 -0.70
N THR A 434 -10.62 -2.74 0.20
CA THR A 434 -10.48 -1.32 -0.05
C THR A 434 -9.01 -0.91 -0.16
N ARG A 435 -8.17 -1.47 0.71
CA ARG A 435 -6.75 -1.16 0.66
C ARG A 435 -6.13 -1.63 -0.65
N LYS A 436 -6.52 -2.81 -1.13
CA LYS A 436 -6.00 -3.27 -2.42
C LYS A 436 -6.55 -2.45 -3.58
N ARG A 437 -7.79 -1.95 -3.46
CA ARG A 437 -8.32 -1.06 -4.48
C ARG A 437 -7.51 0.23 -4.56
N LEU A 438 -7.19 0.81 -3.41
CA LEU A 438 -6.34 1.99 -3.40
C LEU A 438 -4.93 1.67 -3.90
N ALA A 439 -4.44 0.46 -3.61
CA ALA A 439 -3.13 0.05 -4.09
C ALA A 439 -3.12 -0.05 -5.62
N LYS A 440 -4.20 -0.57 -6.21
CA LYS A 440 -4.24 -0.66 -7.67
C LYS A 440 -4.46 0.70 -8.30
N ILE A 441 -5.18 1.60 -7.62
CA ILE A 441 -5.30 2.97 -8.11
C ILE A 441 -3.94 3.65 -8.14
N VAL A 442 -3.16 3.50 -7.07
CA VAL A 442 -1.82 4.07 -7.04
C VAL A 442 -0.91 3.38 -8.06
N LEU A 443 -1.15 2.09 -8.31
CA LEU A 443 -0.39 1.41 -9.36
C LEU A 443 -0.71 1.99 -10.73
N VAL A 444 -1.98 2.35 -10.96
CA VAL A 444 -2.35 3.04 -12.19
C VAL A 444 -1.66 4.40 -12.27
N PHE A 445 -1.61 5.11 -11.15
CA PHE A 445 -0.88 6.38 -11.11
C PHE A 445 0.57 6.20 -11.52
N VAL A 446 1.23 5.18 -10.96
CA VAL A 446 2.63 4.92 -11.26
C VAL A 446 2.80 4.52 -12.72
N GLY A 447 1.88 3.71 -13.25
CA GLY A 447 1.98 3.29 -14.63
C GLY A 447 1.82 4.45 -15.61
N CYS A 448 0.80 5.29 -15.38
CA CYS A 448 0.64 6.47 -16.23
C CYS A 448 1.83 7.40 -16.10
N PHE A 449 2.34 7.57 -14.88
CA PHE A 449 3.48 8.44 -14.66
C PHE A 449 4.71 7.95 -15.41
N ILE A 450 5.00 6.64 -15.34
CA ILE A 450 6.17 6.13 -16.04
C ILE A 450 5.98 6.23 -17.55
N PHE A 451 4.78 5.87 -18.03
CA PHE A 451 4.53 5.91 -19.47
C PHE A 451 4.62 7.34 -20.01
N CYS A 452 4.26 8.33 -19.20
CA CYS A 452 4.26 9.71 -19.67
C CYS A 452 5.59 10.41 -19.45
N TRP A 453 6.35 10.01 -18.44
CA TRP A 453 7.59 10.71 -18.09
C TRP A 453 8.85 9.98 -18.52
N PHE A 454 8.75 8.73 -18.97
CA PHE A 454 9.91 8.10 -19.60
C PHE A 454 10.31 8.78 -20.90
N PRO A 455 9.38 9.14 -21.81
CA PRO A 455 9.82 9.90 -23.00
C PRO A 455 10.49 11.21 -22.64
N ASN A 456 9.95 11.95 -21.68
CA ASN A 456 10.53 13.24 -21.31
C ASN A 456 11.93 13.06 -20.74
N HIS A 457 12.10 12.08 -19.85
CA HIS A 457 13.40 11.87 -19.23
C HIS A 457 14.42 11.39 -20.24
N ILE A 458 14.04 10.47 -21.14
CA ILE A 458 15.01 9.98 -22.11
C ILE A 458 15.36 11.06 -23.12
N LEU A 459 14.38 11.89 -23.51
CA LEU A 459 14.68 12.97 -24.45
C LEU A 459 15.54 14.04 -23.79
N TYR A 460 15.34 14.30 -22.50
CA TYR A 460 16.16 15.29 -21.82
C TYR A 460 17.58 14.76 -21.61
N MET A 461 17.73 13.46 -21.37
CA MET A 461 19.06 12.89 -21.31
C MET A 461 19.74 12.93 -22.67
N TYR A 462 18.97 12.72 -23.75
CA TYR A 462 19.55 12.77 -25.09
C TYR A 462 19.93 14.19 -25.48
N ARG A 463 19.11 15.18 -25.10
CA ARG A 463 19.38 16.57 -25.45
C ARG A 463 20.69 17.06 -24.84
N SER A 464 21.19 16.38 -23.82
CA SER A 464 22.51 16.72 -23.30
C SER A 464 23.61 16.48 -24.33
N PHE A 465 23.36 15.62 -25.32
CA PHE A 465 24.27 15.51 -26.45
C PHE A 465 24.14 16.71 -27.37
N ASN A 466 22.91 17.12 -27.68
CA ASN A 466 22.67 18.25 -28.56
C ASN A 466 22.43 19.53 -27.76
N TYR A 467 23.43 19.89 -26.96
CA TYR A 467 23.34 21.08 -26.12
C TYR A 467 23.60 22.34 -26.93
N GLY A 475 11.33 15.18 -37.79
CA GLY A 475 10.36 14.92 -36.74
C GLY A 475 10.83 15.36 -35.37
N HIS A 476 11.92 16.13 -35.35
CA HIS A 476 12.47 16.63 -34.10
C HIS A 476 11.48 17.54 -33.39
N MET A 477 10.92 18.51 -34.12
CA MET A 477 9.93 19.40 -33.54
C MET A 477 8.67 18.64 -33.12
N ILE A 478 8.21 17.71 -33.96
CA ILE A 478 6.98 16.98 -33.64
C ILE A 478 7.20 16.08 -32.44
N VAL A 479 8.37 15.44 -32.34
CA VAL A 479 8.63 14.56 -31.20
C VAL A 479 8.76 15.39 -29.93
N THR A 480 9.37 16.58 -30.03
CA THR A 480 9.47 17.46 -28.86
C THR A 480 8.09 17.89 -28.37
N LEU A 481 7.22 18.31 -29.31
CA LEU A 481 5.91 18.78 -28.89
C LEU A 481 5.05 17.65 -28.33
N VAL A 482 5.12 16.46 -28.93
CA VAL A 482 4.34 15.35 -28.40
C VAL A 482 4.88 14.92 -27.03
N ALA A 483 6.20 14.98 -26.83
CA ALA A 483 6.75 14.65 -25.53
C ALA A 483 6.31 15.63 -24.47
N ARG A 484 6.30 16.93 -24.80
CA ARG A 484 5.83 17.92 -23.84
C ARG A 484 4.34 17.74 -23.55
N VAL A 485 3.55 17.42 -24.57
CA VAL A 485 2.14 17.14 -24.37
C VAL A 485 1.95 15.92 -23.49
N LEU A 486 2.80 14.91 -23.64
CA LEU A 486 2.74 13.73 -22.79
C LEU A 486 3.10 14.08 -21.34
N SER A 487 4.11 14.93 -21.15
CA SER A 487 4.48 15.36 -19.81
C SER A 487 3.31 16.04 -19.13
N PHE A 488 2.57 16.86 -19.87
CA PHE A 488 1.37 17.46 -19.29
C PHE A 488 0.25 16.44 -19.15
N GLY A 489 0.20 15.45 -20.05
CA GLY A 489 -0.85 14.45 -19.98
C GLY A 489 -0.73 13.55 -18.77
N ASN A 490 0.48 13.41 -18.23
CA ASN A 490 0.64 12.73 -16.95
C ASN A 490 -0.23 13.40 -15.89
N SER A 491 -0.11 14.71 -15.75
CA SER A 491 -0.96 15.45 -14.81
C SER A 491 -2.40 15.49 -15.27
N CYS A 492 -2.64 15.35 -16.57
CA CYS A 492 -4.01 15.25 -17.05
C CYS A 492 -4.69 13.98 -16.56
N VAL A 493 -3.98 12.85 -16.61
CA VAL A 493 -4.58 11.55 -16.37
C VAL A 493 -4.45 11.06 -14.94
N ASN A 494 -3.62 11.71 -14.11
CA ASN A 494 -3.66 11.35 -12.70
C ASN A 494 -5.05 11.56 -12.11
N PRO A 495 -5.64 12.75 -12.21
CA PRO A 495 -7.00 12.92 -11.67
C PRO A 495 -8.05 12.18 -12.47
N PHE A 496 -7.83 12.00 -13.77
CA PHE A 496 -8.77 11.19 -14.56
C PHE A 496 -8.75 9.73 -14.08
N ALA A 497 -7.55 9.20 -13.80
CA ALA A 497 -7.46 7.85 -13.27
C ALA A 497 -8.15 7.76 -11.91
N LEU A 498 -7.92 8.75 -11.04
CA LEU A 498 -8.57 8.72 -9.74
C LEU A 498 -10.09 8.83 -9.86
N TYR A 499 -10.57 9.57 -10.87
CA TYR A 499 -12.00 9.73 -11.06
C TYR A 499 -12.63 8.44 -11.57
N LEU A 500 -12.02 7.83 -12.59
CA LEU A 500 -12.62 6.64 -13.19
C LEU A 500 -12.50 5.43 -12.27
N LEU A 501 -11.32 5.23 -11.67
CA LEU A 501 -11.07 4.01 -10.91
C LEU A 501 -11.87 3.99 -9.61
N SER A 502 -11.91 5.13 -8.90
CA SER A 502 -12.61 5.21 -7.62
C SER A 502 -14.12 5.10 -7.79
CAK A1D63 B . 12.72 17.94 -17.17
CAL A1D63 B . 12.58 17.65 -15.63
CAM A1D63 B . 12.73 16.61 -17.98
CAN A1D63 B . 12.69 16.17 -15.24
CAO A1D63 B . 13.70 15.52 -17.46
CAP A1D63 B . 13.86 15.48 -15.94
CAQ A1D63 B . 14.12 18.71 -17.45
CAR A1D63 B . 11.46 18.83 -17.60
CAS A1D63 B . 10.95 18.89 -18.93
CAT A1D63 B . 14.30 22.80 -17.55
CAU A1D63 B . 14.24 21.25 -18.03
CAV A1D63 B . 14.23 23.70 -18.83
CAW A1D63 B . 9.84 19.70 -19.24
CAX A1D63 B . 13.07 23.13 -16.59
CAY A1D63 B . 9.75 20.35 -16.93
CAZ A1D63 B . 14.60 25.16 -18.65
CBA A1D63 B . 9.21 20.45 -18.24
CBB A1D63 B . 13.69 26.34 -18.58
CBC A1D63 B . 15.89 25.66 -18.49
CBD A1D63 B . 14.52 27.50 -18.39
CBE A1D63 B . 16.90 22.66 -17.18
CBF A1D63 B . 12.26 26.56 -18.66
CBG A1D63 B . 13.93 28.81 -18.28
CBH A1D63 B . 11.69 27.84 -18.56
CBI A1D63 B . 12.54 28.97 -18.38
CBJ A1D63 B . 19.51 22.48 -16.86
CBK A1D63 B . 19.99 22.74 -18.17
CBL A1D63 B . 20.47 21.85 -15.98
CBM A1D63 B . 21.30 22.40 -18.60
CBN A1D63 B . 21.78 21.50 -16.39
CBO A1D63 B . 22.20 21.79 -17.73
NAE A1D63 B . 14.17 20.18 -17.10
NAF A1D63 B . 10.83 19.58 -16.64
NAG A1D63 B . 15.58 23.00 -16.74
NAH A1D63 B . 15.86 27.07 -18.34
NAI A1D63 B . 18.15 22.84 -16.43
NAJ A1D63 B . 23.60 21.43 -18.15
OAA A1D63 B . 14.27 21.05 -19.24
OAB A1D63 B . 17.04 22.13 -18.29
OAC A1D63 B . 24.02 21.68 -19.22
OAD A1D63 B . 24.36 20.85 -17.32
#